data_7K2Z
#
_entry.id   7K2Z
#
_cell.length_a   87.595
_cell.length_b   71.146
_cell.length_c   49.065
_cell.angle_alpha   90.000
_cell.angle_beta   117.620
_cell.angle_gamma   90.000
#
_symmetry.space_group_name_H-M   'C 1 2 1'
#
loop_
_entity.id
_entity.type
_entity.pdbx_description
1 polymer 'PsKAI2B protein'
2 non-polymer GLYCEROL
3 water water
#
_entity_poly.entity_id   1
_entity_poly.type   'polypeptide(L)'
_entity_poly.pdbx_seq_one_letter_code
;MGIVEEAHNVKVLGTGSRFIVLAHGFGTDQSVWKHLVPHLLEEFRVILYDNMGAGTTNPDYFDFERYSTLEGYAYDLLAI
LQELRVDSCIFVGHSVSAMIGTVASISRPDLFAKIIMISASPRYLNDSNYFGGFEQEDLDQLFNAMASNYKAWCSGFAPM
AIGGDMESVAVQEFSRTLFNMRPDIALSVLQTIFKSDMRQILCLVSVPCHIIQSMKDLAVPVVVAEYLHQHVGTESIVEV
MSTEGHLPQLSSPDVVIPVILKHIRYDIVA
;
_entity_poly.pdbx_strand_id   A
#
# COMPACT_ATOMS: atom_id res chain seq x y z
N MET A 1 -14.61 18.24 -11.58
CA MET A 1 -14.41 17.11 -10.67
C MET A 1 -14.93 17.45 -9.27
N GLY A 2 -15.34 16.42 -8.55
CA GLY A 2 -15.64 16.61 -7.13
C GLY A 2 -14.43 17.05 -6.35
N ILE A 3 -14.69 17.59 -5.17
CA ILE A 3 -13.62 18.17 -4.36
C ILE A 3 -12.66 17.07 -3.87
N VAL A 4 -13.21 15.91 -3.47
CA VAL A 4 -12.38 14.79 -3.06
C VAL A 4 -11.65 14.20 -4.25
N GLU A 5 -12.36 14.05 -5.37
CA GLU A 5 -11.78 13.53 -6.60
C GLU A 5 -10.56 14.34 -7.03
N GLU A 6 -10.68 15.67 -6.99
CA GLU A 6 -9.56 16.51 -7.42
C GLU A 6 -8.40 16.43 -6.43
N ALA A 7 -8.69 16.46 -5.13
CA ALA A 7 -7.63 16.51 -4.12
C ALA A 7 -6.76 15.27 -4.13
N HIS A 8 -7.32 14.10 -4.49
CA HIS A 8 -6.57 12.85 -4.52
C HIS A 8 -6.20 12.41 -5.93
N ASN A 9 -6.34 13.29 -6.93
CA ASN A 9 -6.02 12.95 -8.31
C ASN A 9 -6.74 11.67 -8.75
N VAL A 10 -8.03 11.56 -8.40
CA VAL A 10 -8.76 10.33 -8.67
C VAL A 10 -9.00 10.17 -10.17
N LYS A 11 -8.85 8.94 -10.65
CA LYS A 11 -9.25 8.58 -12.00
C LYS A 11 -10.16 7.36 -11.90
N VAL A 12 -11.14 7.29 -12.80
CA VAL A 12 -12.03 6.14 -12.91
C VAL A 12 -11.94 5.68 -14.36
N LEU A 13 -11.21 4.60 -14.59
CA LEU A 13 -10.89 4.13 -15.93
C LEU A 13 -11.64 2.85 -16.26
N GLY A 14 -11.83 2.58 -17.55
CA GLY A 14 -12.46 1.34 -17.96
C GLY A 14 -13.96 1.44 -18.08
N THR A 15 -14.57 0.31 -18.45
CA THR A 15 -16.00 0.28 -18.78
C THR A 15 -16.76 -0.85 -18.11
N GLY A 16 -16.14 -1.62 -17.22
CA GLY A 16 -16.86 -2.69 -16.54
C GLY A 16 -17.83 -2.18 -15.51
N SER A 17 -18.77 -3.05 -15.12
CA SER A 17 -19.77 -2.64 -14.14
C SER A 17 -19.19 -2.66 -12.72
N ARG A 18 -18.42 -3.68 -12.38
CA ARG A 18 -17.84 -3.80 -11.04
C ARG A 18 -16.67 -2.85 -10.87
N PHE A 19 -16.39 -2.50 -9.60
CA PHE A 19 -15.33 -1.57 -9.24
C PHE A 19 -14.14 -2.33 -8.66
N ILE A 20 -12.94 -1.86 -8.97
CA ILE A 20 -11.72 -2.28 -8.30
C ILE A 20 -10.93 -1.02 -7.96
N VAL A 21 -10.44 -0.94 -6.74
CA VAL A 21 -9.73 0.22 -6.22
C VAL A 21 -8.27 -0.18 -6.07
N LEU A 22 -7.35 0.61 -6.64
CA LEU A 22 -5.93 0.36 -6.50
C LEU A 22 -5.29 1.49 -5.68
N ALA A 23 -4.68 1.12 -4.55
CA ALA A 23 -4.21 2.07 -3.54
C ALA A 23 -2.73 1.85 -3.29
N HIS A 24 -1.92 2.89 -3.49
CA HIS A 24 -0.46 2.77 -3.46
C HIS A 24 0.13 2.95 -2.05
N GLY A 25 1.41 2.60 -1.93
CA GLY A 25 2.13 2.70 -0.68
C GLY A 25 3.09 3.89 -0.63
N PHE A 26 3.91 3.90 0.42
CA PHE A 26 4.77 5.05 0.69
C PHE A 26 5.77 5.29 -0.45
N GLY A 27 5.96 6.56 -0.79
CA GLY A 27 7.03 6.96 -1.69
C GLY A 27 6.68 6.92 -3.16
N THR A 28 5.52 6.37 -3.52
CA THR A 28 5.10 6.30 -4.90
C THR A 28 3.74 6.96 -5.05
N ASP A 29 3.04 6.69 -6.15
CA ASP A 29 1.70 7.21 -6.35
C ASP A 29 0.94 6.21 -7.21
N GLN A 30 -0.20 6.62 -7.75
CA GLN A 30 -1.01 5.68 -8.52
C GLN A 30 -0.30 5.14 -9.76
N SER A 31 0.80 5.77 -10.20
CA SER A 31 1.53 5.22 -11.32
C SER A 31 2.19 3.88 -11.02
N VAL A 32 2.27 3.49 -9.74
CA VAL A 32 2.83 2.18 -9.41
C VAL A 32 2.02 1.07 -10.06
N TRP A 33 0.77 1.35 -10.43
CA TRP A 33 -0.15 0.36 -10.99
C TRP A 33 -0.14 0.31 -12.52
N LYS A 34 0.77 1.04 -13.18
CA LYS A 34 0.67 1.26 -14.61
C LYS A 34 0.69 -0.04 -15.42
N HIS A 35 1.36 -1.09 -14.91
CA HIS A 35 1.42 -2.35 -15.65
C HIS A 35 0.20 -3.22 -15.43
N LEU A 36 -0.56 -2.97 -14.37
CA LEU A 36 -1.75 -3.74 -14.08
C LEU A 36 -3.00 -3.16 -14.75
N VAL A 37 -3.12 -1.83 -14.77
CA VAL A 37 -4.35 -1.18 -15.21
C VAL A 37 -4.83 -1.68 -16.58
N PRO A 38 -3.97 -1.83 -17.60
CA PRO A 38 -4.48 -2.20 -18.93
C PRO A 38 -5.22 -3.53 -18.94
N HIS A 39 -4.94 -4.41 -17.98
CA HIS A 39 -5.55 -5.73 -17.96
C HIS A 39 -6.92 -5.72 -17.32
N LEU A 40 -7.35 -4.60 -16.73
CA LEU A 40 -8.56 -4.53 -15.94
C LEU A 40 -9.69 -3.75 -16.60
N LEU A 41 -9.43 -3.12 -17.75
CA LEU A 41 -10.33 -2.09 -18.25
C LEU A 41 -11.63 -2.63 -18.84
N GLU A 42 -11.68 -3.89 -19.24
CA GLU A 42 -12.93 -4.44 -19.72
C GLU A 42 -13.79 -5.01 -18.60
N GLU A 43 -13.18 -5.63 -17.62
CA GLU A 43 -13.91 -6.23 -16.55
C GLU A 43 -14.37 -5.27 -15.43
N PHE A 44 -13.69 -4.17 -15.31
CA PHE A 44 -13.96 -3.25 -14.25
C PHE A 44 -13.95 -1.78 -14.61
N ARG A 45 -14.40 -0.98 -13.65
CA ARG A 45 -14.19 0.41 -13.58
C ARG A 45 -13.06 0.46 -12.52
N VAL A 46 -11.89 0.94 -12.94
CA VAL A 46 -10.68 0.94 -12.12
C VAL A 46 -10.56 2.31 -11.47
N ILE A 47 -10.54 2.34 -10.14
CA ILE A 47 -10.41 3.58 -9.38
C ILE A 47 -8.97 3.71 -8.91
N LEU A 48 -8.28 4.74 -9.38
CA LEU A 48 -6.94 5.10 -8.91
C LEU A 48 -7.03 6.36 -8.08
N TYR A 49 -6.23 6.43 -7.02
CA TYR A 49 -6.14 7.67 -6.25
C TYR A 49 -4.77 7.74 -5.59
N ASP A 50 -4.36 8.98 -5.24
CA ASP A 50 -3.12 9.24 -4.53
C ASP A 50 -3.40 9.54 -3.07
N ASN A 51 -2.59 8.98 -2.19
CA ASN A 51 -2.67 9.29 -0.76
C ASN A 51 -2.23 10.71 -0.51
N MET A 52 -2.90 11.38 0.42
CA MET A 52 -2.46 12.71 0.80
C MET A 52 -1.03 12.64 1.32
N GLY A 53 -0.20 13.59 0.87
CA GLY A 53 1.22 13.59 1.20
C GLY A 53 2.12 13.06 0.11
N ALA A 54 1.57 12.33 -0.87
CA ALA A 54 2.37 11.96 -2.01
C ALA A 54 2.80 13.20 -2.78
N GLY A 55 3.93 13.09 -3.50
CA GLY A 55 4.47 14.26 -4.20
C GLY A 55 3.54 14.83 -5.27
N THR A 56 2.55 14.07 -5.71
CA THR A 56 1.56 14.51 -6.68
C THR A 56 0.42 15.31 -6.04
N THR A 57 0.39 15.43 -4.72
CA THR A 57 -0.69 16.11 -4.03
C THR A 57 -0.19 17.43 -3.46
N ASN A 58 -1.14 18.29 -3.10
CA ASN A 58 -0.85 19.63 -2.64
C ASN A 58 -0.38 19.57 -1.19
N PRO A 59 0.86 19.95 -0.88
CA PRO A 59 1.34 19.84 0.51
C PRO A 59 0.53 20.69 1.48
N ASP A 60 -0.17 21.71 0.99
CA ASP A 60 -1.04 22.50 1.86
C ASP A 60 -2.18 21.67 2.44
N TYR A 61 -2.53 20.55 1.80
CA TYR A 61 -3.58 19.70 2.32
C TYR A 61 -3.08 18.72 3.37
N PHE A 62 -1.77 18.63 3.59
CA PHE A 62 -1.27 17.63 4.53
C PHE A 62 -1.43 18.16 5.95
N ASP A 63 -2.44 17.62 6.63
CA ASP A 63 -2.77 17.93 8.02
C ASP A 63 -2.00 16.93 8.90
N PHE A 64 -0.97 17.43 9.60
CA PHE A 64 -0.10 16.52 10.33
C PHE A 64 -0.86 15.75 11.41
N GLU A 65 -1.83 16.40 12.06
CA GLU A 65 -2.65 15.70 13.06
C GLU A 65 -3.55 14.66 12.41
N ARG A 66 -4.26 15.05 11.34
CA ARG A 66 -5.11 14.11 10.61
C ARG A 66 -4.38 12.81 10.26
N TYR A 67 -3.13 12.92 9.83
CA TYR A 67 -2.43 11.76 9.29
C TYR A 67 -1.41 11.20 10.28
N SER A 68 -1.50 11.58 11.56
CA SER A 68 -0.62 11.01 12.57
C SER A 68 -0.98 9.58 12.91
N THR A 69 -2.12 9.08 12.46
CA THR A 69 -2.47 7.67 12.55
C THR A 69 -3.07 7.24 11.23
N LEU A 70 -3.06 5.92 10.98
CA LEU A 70 -3.61 5.41 9.73
C LEU A 70 -5.10 5.69 9.59
N GLU A 71 -5.78 6.01 10.70
CA GLU A 71 -7.21 6.29 10.64
C GLU A 71 -7.52 7.48 9.74
N GLY A 72 -6.66 8.49 9.71
CA GLY A 72 -6.89 9.63 8.82
C GLY A 72 -6.88 9.20 7.37
N TYR A 73 -5.98 8.29 6.99
CA TYR A 73 -5.97 7.79 5.63
C TYR A 73 -7.20 6.95 5.33
N ALA A 74 -7.70 6.22 6.33
CA ALA A 74 -8.89 5.40 6.12
C ALA A 74 -10.12 6.28 5.91
N TYR A 75 -10.21 7.41 6.62
CA TYR A 75 -11.30 8.35 6.35
C TYR A 75 -11.25 8.83 4.92
N ASP A 76 -10.05 9.16 4.42
CA ASP A 76 -9.93 9.64 3.03
C ASP A 76 -10.45 8.57 2.07
N LEU A 77 -10.06 7.32 2.29
CA LEU A 77 -10.53 6.23 1.42
C LEU A 77 -12.05 6.14 1.44
N LEU A 78 -12.65 6.18 2.63
CA LEU A 78 -14.11 6.12 2.71
C LEU A 78 -14.75 7.33 2.03
N ALA A 79 -14.10 8.50 2.13
CA ALA A 79 -14.66 9.69 1.47
C ALA A 79 -14.65 9.53 -0.04
N ILE A 80 -13.57 8.96 -0.60
CA ILE A 80 -13.50 8.71 -2.04
C ILE A 80 -14.61 7.74 -2.46
N LEU A 81 -14.77 6.65 -1.71
CA LEU A 81 -15.76 5.64 -2.10
C LEU A 81 -17.18 6.21 -2.02
N GLN A 82 -17.42 7.07 -1.06
CA GLN A 82 -18.71 7.70 -0.95
C GLN A 82 -18.97 8.69 -2.08
N GLU A 83 -18.00 9.52 -2.42
CA GLU A 83 -18.22 10.46 -3.49
C GLU A 83 -18.46 9.80 -4.81
N LEU A 84 -17.78 8.69 -5.02
CA LEU A 84 -17.89 8.00 -6.28
C LEU A 84 -19.10 7.08 -6.34
N ARG A 85 -19.83 6.96 -5.27
CA ARG A 85 -21.05 6.13 -5.21
C ARG A 85 -20.75 4.66 -5.49
N VAL A 86 -19.66 4.16 -4.88
CA VAL A 86 -19.30 2.75 -5.01
C VAL A 86 -20.24 1.89 -4.18
N ASP A 87 -20.81 0.85 -4.80
CA ASP A 87 -21.63 -0.07 -4.04
C ASP A 87 -20.78 -1.07 -3.27
N SER A 88 -19.76 -1.62 -3.94
CA SER A 88 -18.74 -2.46 -3.33
C SER A 88 -17.59 -2.50 -4.30
N CYS A 89 -16.42 -2.89 -3.80
CA CYS A 89 -15.24 -2.96 -4.64
C CYS A 89 -14.35 -4.12 -4.20
N ILE A 90 -13.52 -4.57 -5.14
CA ILE A 90 -12.30 -5.27 -4.79
C ILE A 90 -11.27 -4.20 -4.46
N PHE A 91 -10.61 -4.31 -3.30
CA PHE A 91 -9.60 -3.34 -2.88
C PHE A 91 -8.23 -3.99 -2.93
N VAL A 92 -7.32 -3.37 -3.69
CA VAL A 92 -5.94 -3.82 -3.78
C VAL A 92 -5.09 -2.76 -3.08
N GLY A 93 -4.54 -3.13 -1.92
CA GLY A 93 -3.75 -2.17 -1.18
C GLY A 93 -2.30 -2.56 -1.13
N HIS A 94 -1.43 -1.65 -1.57
CA HIS A 94 0.00 -1.86 -1.54
C HIS A 94 0.61 -1.28 -0.27
N SER A 95 1.42 -2.08 0.41
CA SER A 95 2.17 -1.67 1.61
C SER A 95 1.19 -1.04 2.61
N VAL A 96 1.42 0.20 3.05
CA VAL A 96 0.57 0.78 4.10
C VAL A 96 -0.88 0.81 3.68
N SER A 97 -1.18 0.94 2.38
CA SER A 97 -2.58 0.95 1.97
C SER A 97 -3.30 -0.36 2.25
N ALA A 98 -2.58 -1.48 2.38
CA ALA A 98 -3.24 -2.70 2.82
C ALA A 98 -3.87 -2.52 4.20
N MET A 99 -3.13 -1.92 5.13
CA MET A 99 -3.69 -1.68 6.47
C MET A 99 -4.70 -0.55 6.45
N ILE A 100 -4.53 0.46 5.58
CA ILE A 100 -5.54 1.52 5.48
C ILE A 100 -6.89 0.92 5.05
N GLY A 101 -6.87 0.07 4.02
CA GLY A 101 -8.11 -0.55 3.59
C GLY A 101 -8.67 -1.50 4.63
N THR A 102 -7.80 -2.17 5.38
CA THR A 102 -8.25 -3.04 6.46
C THR A 102 -9.03 -2.25 7.50
N VAL A 103 -8.46 -1.12 7.95
CA VAL A 103 -9.14 -0.25 8.90
C VAL A 103 -10.49 0.23 8.33
N ALA A 104 -10.48 0.71 7.07
CA ALA A 104 -11.73 1.16 6.45
C ALA A 104 -12.78 0.05 6.42
N SER A 105 -12.36 -1.18 6.10
CA SER A 105 -13.29 -2.30 5.99
C SER A 105 -13.90 -2.70 7.33
N ILE A 106 -13.23 -2.37 8.44
CA ILE A 106 -13.85 -2.66 9.73
C ILE A 106 -15.01 -1.70 9.99
N SER A 107 -14.90 -0.46 9.50
CA SER A 107 -15.98 0.50 9.64
C SER A 107 -17.11 0.25 8.64
N ARG A 108 -16.76 -0.17 7.42
CA ARG A 108 -17.74 -0.35 6.34
C ARG A 108 -17.44 -1.63 5.58
N PRO A 109 -17.64 -2.79 6.19
CA PRO A 109 -17.35 -4.05 5.48
C PRO A 109 -18.23 -4.25 4.25
N ASP A 110 -19.39 -3.61 4.20
CA ASP A 110 -20.26 -3.71 3.05
C ASP A 110 -19.63 -3.16 1.78
N LEU A 111 -18.64 -2.28 1.91
CA LEU A 111 -18.03 -1.66 0.73
C LEU A 111 -16.94 -2.52 0.10
N PHE A 112 -16.52 -3.60 0.75
CA PHE A 112 -15.34 -4.35 0.34
C PHE A 112 -15.73 -5.81 0.10
N ALA A 113 -15.68 -6.24 -1.16
CA ALA A 113 -15.93 -7.63 -1.48
C ALA A 113 -14.75 -8.51 -1.07
N LYS A 114 -13.54 -8.00 -1.26
CA LYS A 114 -12.33 -8.67 -0.84
C LYS A 114 -11.23 -7.62 -0.78
N ILE A 115 -10.20 -7.91 0.02
CA ILE A 115 -9.00 -7.10 0.13
C ILE A 115 -7.83 -7.92 -0.40
N ILE A 116 -7.07 -7.35 -1.32
CA ILE A 116 -5.84 -7.96 -1.80
C ILE A 116 -4.69 -7.12 -1.27
N MET A 117 -3.84 -7.73 -0.45
CA MET A 117 -2.72 -7.02 0.18
C MET A 117 -1.45 -7.34 -0.60
N ILE A 118 -0.66 -6.32 -0.91
CA ILE A 118 0.64 -6.51 -1.57
C ILE A 118 1.71 -5.89 -0.70
N SER A 119 2.66 -6.70 -0.24
CA SER A 119 3.78 -6.21 0.58
C SER A 119 3.29 -5.58 1.89
N ALA A 120 2.31 -6.20 2.54
CA ALA A 120 1.70 -5.66 3.75
C ALA A 120 2.38 -6.15 5.04
N SER A 121 2.31 -5.30 6.07
CA SER A 121 2.72 -5.71 7.42
C SER A 121 1.89 -4.97 8.47
N PRO A 122 1.43 -5.66 9.52
CA PRO A 122 0.71 -4.97 10.60
C PRO A 122 1.62 -4.32 11.62
N ARG A 123 2.93 -4.60 11.57
CA ARG A 123 3.87 -4.07 12.55
C ARG A 123 5.29 -4.39 12.10
N TYR A 124 6.15 -3.37 12.05
CA TYR A 124 7.53 -3.53 11.61
C TYR A 124 8.49 -3.77 12.75
N LEU A 125 8.22 -3.22 13.93
CA LEU A 125 9.12 -3.33 15.06
C LEU A 125 9.05 -4.71 15.69
N ASN A 126 10.21 -5.26 16.04
CA ASN A 126 10.26 -6.52 16.75
C ASN A 126 9.80 -6.33 18.20
N ASP A 127 9.81 -7.45 18.90
CA ASP A 127 9.85 -7.51 20.35
C ASP A 127 9.97 -9.00 20.68
N SER A 128 10.11 -9.36 21.96
CA SER A 128 10.42 -10.77 22.21
C SER A 128 9.31 -11.72 21.79
N ASN A 129 8.15 -11.21 21.35
CA ASN A 129 7.02 -12.07 20.99
C ASN A 129 6.62 -11.98 19.52
N TYR A 130 7.28 -11.15 18.72
CA TYR A 130 6.82 -10.88 17.36
C TYR A 130 8.01 -10.39 16.54
N PHE A 131 8.20 -10.98 15.36
CA PHE A 131 9.28 -10.56 14.45
C PHE A 131 8.69 -9.79 13.29
N GLY A 132 8.96 -8.49 13.25
CA GLY A 132 8.52 -7.62 12.17
C GLY A 132 9.64 -7.21 11.25
N GLY A 133 10.88 -7.38 11.70
CA GLY A 133 12.07 -7.16 10.89
C GLY A 133 12.96 -6.01 11.30
N PHE A 134 12.52 -5.17 12.24
CA PHE A 134 13.24 -3.94 12.56
C PHE A 134 13.40 -3.79 14.07
N GLU A 135 14.53 -3.22 14.49
CA GLU A 135 14.71 -2.76 15.84
C GLU A 135 14.60 -1.24 15.87
N GLN A 136 14.36 -0.68 17.05
CA GLN A 136 14.23 0.77 17.14
C GLN A 136 15.48 1.47 16.60
N GLU A 137 16.65 0.86 16.80
CA GLU A 137 17.88 1.47 16.33
C GLU A 137 17.89 1.58 14.80
N ASP A 138 17.33 0.58 14.10
CA ASP A 138 17.22 0.65 12.65
C ASP A 138 16.41 1.86 12.23
N LEU A 139 15.28 2.08 12.90
CA LEU A 139 14.45 3.25 12.60
C LEU A 139 15.19 4.55 12.89
N ASP A 140 15.86 4.65 14.05
CA ASP A 140 16.58 5.87 14.39
C ASP A 140 17.60 6.22 13.32
N GLN A 141 18.32 5.20 12.83
CA GLN A 141 19.31 5.42 11.77
C GLN A 141 18.65 5.95 10.52
N LEU A 142 17.55 5.32 10.12
CA LEU A 142 16.82 5.72 8.92
C LEU A 142 16.36 7.18 9.03
N PHE A 143 15.75 7.54 10.16
CA PHE A 143 15.19 8.88 10.28
C PHE A 143 16.29 9.94 10.40
N ASN A 144 17.40 9.61 11.05
CA ASN A 144 18.53 10.52 11.08
C ASN A 144 19.04 10.81 9.68
N ALA A 145 19.14 9.78 8.84
CA ALA A 145 19.62 9.97 7.47
C ALA A 145 18.62 10.76 6.63
N MET A 146 17.33 10.48 6.79
CA MET A 146 16.30 11.23 6.06
C MET A 146 16.39 12.72 6.38
N ALA A 147 16.51 13.05 7.66
CA ALA A 147 16.45 14.43 8.09
C ALA A 147 17.74 15.19 7.76
N SER A 148 18.86 14.47 7.68
CA SER A 148 20.14 15.16 7.48
C SER A 148 20.42 15.49 6.02
N ASN A 149 19.98 14.63 5.09
CA ASN A 149 20.20 14.90 3.66
C ASN A 149 19.14 14.12 2.89
N TYR A 150 17.99 14.76 2.67
CA TYR A 150 16.86 14.04 2.09
C TYR A 150 17.17 13.59 0.65
N LYS A 151 17.80 14.44 -0.15
CA LYS A 151 18.12 14.04 -1.53
C LYS A 151 19.03 12.82 -1.56
N ALA A 152 20.09 12.81 -0.74
CA ALA A 152 20.97 11.65 -0.70
C ALA A 152 20.24 10.42 -0.18
N TRP A 153 19.32 10.62 0.77
CA TRP A 153 18.59 9.48 1.30
C TRP A 153 17.72 8.85 0.22
N CYS A 154 17.04 9.67 -0.57
CA CYS A 154 16.20 9.12 -1.63
C CYS A 154 17.01 8.25 -2.58
N SER A 155 18.20 8.71 -2.99
CA SER A 155 18.97 7.96 -3.95
C SER A 155 19.50 6.65 -3.36
N GLY A 156 19.83 6.65 -2.07
CA GLY A 156 20.27 5.42 -1.44
C GLY A 156 19.17 4.45 -1.09
N PHE A 157 17.98 4.99 -0.75
CA PHE A 157 16.86 4.17 -0.27
C PHE A 157 16.11 3.50 -1.42
N ALA A 158 15.95 4.20 -2.55
CA ALA A 158 15.21 3.62 -3.67
C ALA A 158 15.73 2.27 -4.11
N PRO A 159 17.03 2.07 -4.36
CA PRO A 159 17.50 0.73 -4.76
C PRO A 159 17.26 -0.33 -3.70
N MET A 160 17.30 0.03 -2.41
CA MET A 160 17.03 -0.95 -1.37
C MET A 160 15.56 -1.37 -1.39
N ALA A 161 14.66 -0.40 -1.53
CA ALA A 161 13.23 -0.71 -1.54
C ALA A 161 12.85 -1.52 -2.77
N ILE A 162 13.35 -1.15 -3.94
CA ILE A 162 12.97 -1.82 -5.18
C ILE A 162 13.64 -3.18 -5.31
N GLY A 163 14.87 -3.34 -4.82
CA GLY A 163 15.63 -4.55 -5.03
C GLY A 163 16.20 -4.61 -6.45
N GLY A 164 17.01 -5.64 -6.68
CA GLY A 164 17.51 -5.89 -8.02
C GLY A 164 18.54 -4.87 -8.51
N ASP A 165 18.68 -4.75 -9.82
CA ASP A 165 19.64 -3.85 -10.43
C ASP A 165 19.44 -2.41 -10.00
N MET A 166 20.47 -1.77 -9.53
CA MET A 166 20.36 -0.43 -9.02
C MET A 166 20.12 0.63 -10.04
N GLU A 167 20.28 0.30 -11.30
CA GLU A 167 20.05 1.27 -12.37
C GLU A 167 18.76 1.01 -13.13
N SER A 168 17.94 0.12 -12.63
CA SER A 168 16.75 -0.25 -13.36
C SER A 168 15.81 0.94 -13.52
N VAL A 169 14.93 0.81 -14.52
CA VAL A 169 13.88 1.82 -14.72
C VAL A 169 13.08 2.00 -13.44
N ALA A 170 12.73 0.91 -12.76
CA ALA A 170 11.90 1.04 -11.56
C ALA A 170 12.62 1.81 -10.46
N VAL A 171 13.92 1.60 -10.31
CA VAL A 171 14.66 2.39 -9.33
C VAL A 171 14.60 3.87 -9.71
N GLN A 172 14.79 4.17 -11.00
CA GLN A 172 14.69 5.54 -11.49
C GLN A 172 13.36 6.17 -11.10
N GLU A 173 12.26 5.49 -11.41
CA GLU A 173 10.93 6.03 -11.14
C GLU A 173 10.70 6.26 -9.66
N PHE A 174 11.07 5.27 -8.84
CA PHE A 174 10.80 5.36 -7.41
C PHE A 174 11.67 6.42 -6.74
N SER A 175 12.93 6.53 -7.16
CA SER A 175 13.77 7.59 -6.60
C SER A 175 13.17 8.97 -6.86
N ARG A 176 12.57 9.15 -8.03
CA ARG A 176 11.97 10.44 -8.38
C ARG A 176 10.70 10.72 -7.58
N THR A 177 9.81 9.73 -7.46
CA THR A 177 8.61 9.99 -6.67
C THR A 177 8.95 10.18 -5.19
N LEU A 178 9.99 9.51 -4.68
CA LEU A 178 10.43 9.77 -3.31
C LEU A 178 10.86 11.23 -3.15
N PHE A 179 11.70 11.71 -4.06
CA PHE A 179 12.23 13.05 -3.93
C PHE A 179 11.22 14.14 -4.28
N ASN A 180 10.08 13.78 -4.86
CA ASN A 180 9.05 14.77 -5.11
C ASN A 180 8.21 15.10 -3.87
N MET A 181 8.37 14.34 -2.78
CA MET A 181 7.69 14.66 -1.53
C MET A 181 8.41 15.81 -0.83
N ARG A 182 7.63 16.62 -0.12
CA ARG A 182 8.25 17.59 0.78
C ARG A 182 8.99 16.85 1.88
N PRO A 183 10.25 17.19 2.17
CA PRO A 183 11.03 16.37 3.11
C PRO A 183 10.40 16.20 4.48
N ASP A 184 9.76 17.24 5.02
CA ASP A 184 9.17 17.10 6.36
C ASP A 184 7.95 16.20 6.33
N ILE A 185 7.18 16.22 5.25
CA ILE A 185 6.04 15.33 5.13
C ILE A 185 6.51 13.89 5.03
N ALA A 186 7.48 13.62 4.14
CA ALA A 186 8.00 12.27 3.99
C ALA A 186 8.52 11.72 5.31
N LEU A 187 9.27 12.54 6.05
CA LEU A 187 9.80 12.10 7.34
C LEU A 187 8.68 11.77 8.30
N SER A 188 7.69 12.66 8.41
CA SER A 188 6.60 12.44 9.35
C SER A 188 5.82 11.18 9.00
N VAL A 189 5.50 11.00 7.71
CA VAL A 189 4.71 9.84 7.30
C VAL A 189 5.48 8.55 7.53
N LEU A 190 6.77 8.51 7.18
CA LEU A 190 7.51 7.26 7.32
C LEU A 190 7.64 6.88 8.79
N GLN A 191 7.78 7.87 9.69
CA GLN A 191 7.75 7.59 11.11
C GLN A 191 6.40 7.00 11.53
N THR A 192 5.31 7.59 11.06
CA THR A 192 3.99 7.07 11.41
C THR A 192 3.83 5.63 10.96
N ILE A 193 4.30 5.30 9.76
CA ILE A 193 4.16 3.93 9.25
C ILE A 193 5.00 2.97 10.08
N PHE A 194 6.25 3.30 10.26
CA PHE A 194 7.15 2.42 10.92
C PHE A 194 6.82 2.15 12.36
N LYS A 195 6.10 3.01 13.02
CA LYS A 195 5.74 2.75 14.38
C LYS A 195 4.34 2.25 14.55
N SER A 196 3.63 2.04 13.47
CA SER A 196 2.27 1.54 13.54
C SER A 196 2.20 0.14 14.12
N ASP A 197 1.03 -0.20 14.64
CA ASP A 197 0.79 -1.52 15.20
C ASP A 197 -0.69 -1.82 14.98
N MET A 198 -0.99 -2.57 13.93
CA MET A 198 -2.36 -2.94 13.59
C MET A 198 -2.71 -4.35 14.06
N ARG A 199 -1.84 -4.99 14.84
CA ARG A 199 -2.06 -6.41 15.13
C ARG A 199 -3.42 -6.65 15.77
N GLN A 200 -3.82 -5.77 16.70
CA GLN A 200 -5.03 -6.04 17.47
C GLN A 200 -6.33 -5.88 16.67
N ILE A 201 -6.31 -5.26 15.49
CA ILE A 201 -7.57 -5.13 14.74
C ILE A 201 -7.74 -6.24 13.71
N LEU A 202 -6.72 -7.10 13.52
CA LEU A 202 -6.84 -8.12 12.49
C LEU A 202 -7.99 -9.09 12.79
N CYS A 203 -8.18 -9.44 14.05
CA CYS A 203 -9.25 -10.38 14.39
C CYS A 203 -10.64 -9.84 14.08
N LEU A 204 -10.79 -8.53 13.90
CA LEU A 204 -12.09 -7.95 13.60
C LEU A 204 -12.41 -7.92 12.11
N VAL A 205 -11.43 -8.23 11.26
CA VAL A 205 -11.66 -8.20 9.82
C VAL A 205 -12.69 -9.23 9.43
N SER A 206 -13.63 -8.81 8.58
CA SER A 206 -14.76 -9.67 8.19
C SER A 206 -14.89 -9.79 6.68
N VAL A 207 -13.90 -9.31 5.94
CA VAL A 207 -13.89 -9.47 4.47
C VAL A 207 -12.69 -10.34 4.11
N PRO A 208 -12.83 -11.23 3.12
CA PRO A 208 -11.72 -12.12 2.78
C PRO A 208 -10.48 -11.36 2.32
N CYS A 209 -9.31 -11.88 2.71
CA CYS A 209 -8.03 -11.21 2.46
C CYS A 209 -7.11 -12.14 1.69
N HIS A 210 -6.53 -11.61 0.60
CA HIS A 210 -5.50 -12.31 -0.17
C HIS A 210 -4.18 -11.60 0.11
N ILE A 211 -3.20 -12.33 0.62
CA ILE A 211 -1.96 -11.77 1.16
C ILE A 211 -0.82 -12.15 0.21
N ILE A 212 -0.32 -11.18 -0.54
CA ILE A 212 0.69 -11.41 -1.57
C ILE A 212 1.97 -10.66 -1.19
N GLN A 213 3.13 -11.30 -1.33
CA GLN A 213 4.36 -10.54 -1.16
C GLN A 213 5.52 -11.23 -1.85
N SER A 214 6.59 -10.46 -2.04
CA SER A 214 7.85 -10.99 -2.53
C SER A 214 8.50 -11.88 -1.49
N MET A 215 9.16 -12.95 -1.95
CA MET A 215 9.91 -13.79 -1.00
C MET A 215 11.05 -13.02 -0.36
N LYS A 216 11.59 -12.01 -1.04
CA LYS A 216 12.67 -11.19 -0.53
C LYS A 216 12.20 -9.73 -0.55
N ASP A 217 11.75 -9.24 0.60
CA ASP A 217 11.24 -7.88 0.74
C ASP A 217 11.92 -7.27 1.96
N LEU A 218 12.64 -6.16 1.75
CA LEU A 218 13.47 -5.62 2.82
C LEU A 218 12.67 -5.21 4.04
N ALA A 219 11.39 -4.86 3.88
CA ALA A 219 10.57 -4.39 4.98
C ALA A 219 9.55 -5.41 5.46
N VAL A 220 9.46 -6.58 4.82
CA VAL A 220 8.42 -7.55 5.17
C VAL A 220 8.98 -8.97 5.15
N PRO A 221 9.44 -9.50 6.28
CA PRO A 221 9.83 -10.91 6.34
C PRO A 221 8.66 -11.82 5.99
N VAL A 222 8.96 -12.98 5.42
CA VAL A 222 7.88 -13.86 4.97
C VAL A 222 7.02 -14.33 6.14
N VAL A 223 7.56 -14.38 7.36
CA VAL A 223 6.72 -14.80 8.48
C VAL A 223 5.60 -13.82 8.76
N VAL A 224 5.73 -12.57 8.30
CA VAL A 224 4.64 -11.60 8.46
C VAL A 224 3.44 -11.96 7.61
N ALA A 225 3.66 -12.45 6.38
CA ALA A 225 2.51 -12.93 5.60
C ALA A 225 1.78 -14.04 6.33
N GLU A 226 2.52 -14.97 6.94
CA GLU A 226 1.88 -16.02 7.72
C GLU A 226 1.18 -15.45 8.94
N TYR A 227 1.73 -14.39 9.53
CA TYR A 227 1.10 -13.78 10.69
C TYR A 227 -0.25 -13.19 10.30
N LEU A 228 -0.29 -12.47 9.17
CA LEU A 228 -1.55 -11.93 8.70
C LEU A 228 -2.56 -13.04 8.45
N HIS A 229 -2.11 -14.13 7.83
CA HIS A 229 -3.01 -15.26 7.55
C HIS A 229 -3.56 -15.86 8.83
N GLN A 230 -2.73 -15.94 9.88
CA GLN A 230 -3.21 -16.53 11.13
C GLN A 230 -4.21 -15.63 11.86
N HIS A 231 -3.97 -14.31 11.87
CA HIS A 231 -4.69 -13.43 12.78
C HIS A 231 -5.85 -12.68 12.12
N VAL A 232 -5.96 -12.68 10.79
CA VAL A 232 -7.16 -12.09 10.18
C VAL A 232 -8.39 -12.89 10.58
N GLY A 233 -9.45 -12.18 10.95
CA GLY A 233 -10.61 -12.84 11.57
C GLY A 233 -11.61 -13.48 10.64
N THR A 234 -11.25 -13.69 9.38
CA THR A 234 -12.09 -14.42 8.43
C THR A 234 -11.17 -15.13 7.45
N GLU A 235 -11.73 -15.68 6.38
CA GLU A 235 -10.91 -16.52 5.50
C GLU A 235 -9.85 -15.68 4.81
N SER A 236 -8.66 -16.26 4.63
CA SER A 236 -7.56 -15.60 3.95
C SER A 236 -6.69 -16.67 3.28
N ILE A 237 -5.78 -16.20 2.42
CA ILE A 237 -4.88 -17.08 1.70
C ILE A 237 -3.59 -16.30 1.45
N VAL A 238 -2.46 -17.01 1.46
CA VAL A 238 -1.13 -16.41 1.29
C VAL A 238 -0.54 -16.86 -0.03
N GLU A 239 0.11 -15.93 -0.75
CA GLU A 239 0.93 -16.26 -1.91
C GLU A 239 2.23 -15.49 -1.84
N VAL A 240 3.31 -16.19 -1.50
CA VAL A 240 4.65 -15.61 -1.57
C VAL A 240 5.19 -15.86 -2.97
N MET A 241 5.61 -14.79 -3.64
CA MET A 241 6.08 -14.86 -5.02
C MET A 241 7.59 -15.02 -5.07
N SER A 242 8.05 -15.62 -6.18
CA SER A 242 9.47 -15.74 -6.48
C SER A 242 10.03 -14.44 -7.03
N THR A 243 9.86 -13.36 -6.30
CA THR A 243 10.33 -12.04 -6.68
C THR A 243 11.08 -11.42 -5.52
N GLU A 244 11.83 -10.37 -5.83
CA GLU A 244 12.49 -9.54 -4.84
C GLU A 244 11.93 -8.13 -4.95
N GLY A 245 11.78 -7.46 -3.81
CA GLY A 245 11.43 -6.06 -3.83
C GLY A 245 10.10 -5.71 -3.20
N HIS A 246 10.00 -4.47 -2.72
CA HIS A 246 8.80 -4.02 -2.02
C HIS A 246 7.71 -3.51 -2.95
N LEU A 247 8.03 -3.18 -4.21
CA LEU A 247 7.07 -2.73 -5.20
C LEU A 247 7.11 -3.67 -6.40
N PRO A 248 6.83 -4.96 -6.19
CA PRO A 248 7.03 -5.94 -7.27
C PRO A 248 6.10 -5.75 -8.46
N GLN A 249 4.93 -5.14 -8.28
CA GLN A 249 4.06 -4.85 -9.41
C GLN A 249 4.67 -3.83 -10.34
N LEU A 250 5.66 -3.05 -9.88
CA LEU A 250 6.35 -2.09 -10.73
C LEU A 250 7.63 -2.67 -11.32
N SER A 251 8.39 -3.45 -10.53
CA SER A 251 9.72 -3.90 -10.95
C SER A 251 9.73 -5.27 -11.61
N SER A 252 8.76 -6.13 -11.31
CA SER A 252 8.68 -7.45 -11.94
C SER A 252 7.26 -7.73 -12.42
N PRO A 253 6.70 -6.86 -13.27
CA PRO A 253 5.29 -7.03 -13.66
C PRO A 253 5.01 -8.30 -14.43
N ASP A 254 5.98 -8.80 -15.21
CA ASP A 254 5.71 -10.03 -15.98
C ASP A 254 5.39 -11.20 -15.07
N VAL A 255 6.01 -11.25 -13.89
CA VAL A 255 5.70 -12.28 -12.90
C VAL A 255 4.49 -11.89 -12.07
N VAL A 256 4.42 -10.64 -11.66
CA VAL A 256 3.54 -10.23 -10.58
C VAL A 256 2.12 -9.93 -11.07
N ILE A 257 1.96 -9.31 -12.24
CA ILE A 257 0.62 -9.00 -12.73
C ILE A 257 -0.24 -10.25 -12.83
N PRO A 258 0.23 -11.36 -13.41
CA PRO A 258 -0.62 -12.57 -13.44
C PRO A 258 -1.04 -13.04 -12.06
N VAL A 259 -0.17 -12.88 -11.04
CA VAL A 259 -0.54 -13.29 -9.69
C VAL A 259 -1.67 -12.42 -9.16
N ILE A 260 -1.55 -11.10 -9.34
CA ILE A 260 -2.63 -10.22 -8.88
C ILE A 260 -3.93 -10.51 -9.62
N LEU A 261 -3.85 -10.70 -10.95
CA LEU A 261 -5.05 -11.00 -11.71
C LEU A 261 -5.71 -12.29 -11.23
N LYS A 262 -4.90 -13.27 -10.85
CA LYS A 262 -5.47 -14.52 -10.33
C LYS A 262 -6.29 -14.26 -9.06
N HIS A 263 -5.73 -13.46 -8.14
CA HIS A 263 -6.45 -13.21 -6.89
C HIS A 263 -7.62 -12.26 -7.08
N ILE A 264 -7.59 -11.42 -8.12
CA ILE A 264 -8.77 -10.64 -8.47
C ILE A 264 -9.88 -11.56 -8.98
N ARG A 265 -9.53 -12.54 -9.82
CA ARG A 265 -10.52 -13.34 -10.55
C ARG A 265 -11.04 -14.54 -9.77
N TYR A 266 -10.32 -15.03 -8.75
CA TYR A 266 -10.73 -16.19 -7.96
C TYR A 266 -11.01 -15.77 -6.52
N ASP A 267 -11.93 -16.49 -5.88
CA ASP A 267 -12.32 -16.22 -4.50
C ASP A 267 -11.88 -17.37 -3.59
N ILE A 268 -11.65 -17.02 -2.31
CA ILE A 268 -11.32 -17.98 -1.27
C ILE A 268 -12.58 -18.71 -0.81
N VAL A 269 -12.49 -20.02 -0.61
CA VAL A 269 -13.64 -20.78 -0.15
C VAL A 269 -14.02 -20.33 1.24
N ALA A 270 -15.32 -20.24 1.50
CA ALA A 270 -15.82 -19.72 2.77
C ALA A 270 -15.47 -20.66 3.92
#